data_6XMF
#
_entry.id   6XMF
#
_cell.length_a   1.00
_cell.length_b   1.00
_cell.length_c   1.00
_cell.angle_alpha   90.00
_cell.angle_beta   90.00
_cell.angle_gamma   90.00
#
_symmetry.space_group_name_H-M   'P 1'
#
loop_
_entity.id
_entity.type
_entity.pdbx_description
1 polymer CRISPR-Cas
2 polymer 'RNA (116-MER)'
3 non-polymer 'ZINC ION'
#
loop_
_entity_poly.entity_id
_entity_poly.type
_entity_poly.pdbx_seq_one_letter_code
_entity_poly.pdbx_strand_id
1 'polypeptide(L)'
;MAQASSTPAVSPRPRPRYREERTLVRKLLPRPGQSKQEFRENVKKLRKAFLQFNADVSGVCQWAIQFRPRYGKPAEPTET
FWKFFLEPETSLPPNDSRSPEFRRLQAFEAAAGINGAAALDDPAFTNELRDSILAVASRPKTKEAQRLFSRLKDYQPAHR
MILAKVAAEWIESRYRRAHQNWERNYEEWKKEKQEWEQNHPELTPEIREAFNQIFQQLEVKEKRVRICPAARLLQNKDNC
QYAGKNKHSVLCNQFNEFKKNHLQGKAIKFFYKDAEKYLRCGLQSLKPNVQGPFREDWNKYLRYMNLKEETLRGKNGGRL
PHCKNLGQECEFNPHTALCKQYQQQLSSRPDLVQHDELYRKWRREYWREPRKPVFRYPSVKRHSIAKIFGENYFQADFKN
SVVGLRLDSMPAGQYLEFAFAPWPRNYRPQPGETEISSVHLHFVGTRPRIGFRFRVPHKRSRFDCTQEELDELRSRTFPR
KAQDQKFLEAARKRLLETFPGNAEQELRLLAVDLGTDSARAAFFIGKTFQQAFPLKIVKIEKLYEQWPNQKQAGDRRDAS
SKQPRPGLSRDHVGRHLQKMRAQASEIAQKRQELTGTPAPETTTDQAAKKATLQPFDLRGLTVHTARMIRDWARLNARQI
IQLAEENQVDLIVLESLRGFRPPGYENLDQEKKRRVAFFAHGRIRRKVTEKAVERGMRVVTVPYLASSKVCAECRKKQKD
NKQWEKNKKRGLFKCEGCGSQAQVDENAARVLGRVFWGEIELPTAIP
;
A
2 'polyribonucleotide'
;GGGAUGCUUACUUAGUCAUCUGGUUGGCAAACCUCCGCGGACCUUCGGGACCAAUGGAGAGGAACCCAGCCGAGAAGCAU
CGAGCCGGUAAAUGUUUACCGGCUCUGACACCAACUGGUGAA
;
C
#
# COMPACT_ATOMS: atom_id res chain seq x y z
N PRO A 14 -9.42 1.84 16.80
CA PRO A 14 -10.36 1.50 15.72
C PRO A 14 -10.36 0.01 15.37
N ARG A 15 -9.65 -0.36 14.30
CA ARG A 15 -9.56 -1.72 13.83
C ARG A 15 -8.16 -2.29 14.06
N PRO A 16 -8.05 -3.60 14.28
CA PRO A 16 -6.72 -4.25 14.42
C PRO A 16 -6.11 -4.63 13.07
N ARG A 17 -5.67 -3.61 12.32
CA ARG A 17 -5.13 -3.85 10.99
C ARG A 17 -3.81 -4.59 11.06
N TYR A 18 -2.89 -4.14 11.92
CA TYR A 18 -1.57 -4.75 12.01
C TYR A 18 -1.65 -6.07 12.78
N ARG A 19 -1.78 -7.18 12.06
CA ARG A 19 -1.89 -8.48 12.69
C ARG A 19 -0.51 -9.05 12.99
N GLU A 20 -0.47 -9.96 13.95
CA GLU A 20 0.77 -10.60 14.39
C GLU A 20 0.96 -11.95 13.68
N GLU A 21 1.15 -11.88 12.36
CA GLU A 21 1.24 -13.09 11.54
C GLU A 21 2.63 -13.28 10.95
N ARG A 22 3.13 -12.30 10.19
CA ARG A 22 4.48 -12.33 9.64
C ARG A 22 4.73 -13.60 8.83
N THR A 23 4.00 -13.71 7.73
CA THR A 23 4.04 -14.92 6.90
C THR A 23 5.35 -15.01 6.13
N LEU A 24 5.99 -16.17 6.21
CA LEU A 24 7.24 -16.44 5.50
C LEU A 24 6.94 -17.35 4.32
N VAL A 25 7.47 -16.99 3.14
CA VAL A 25 7.19 -17.69 1.89
C VAL A 25 8.42 -18.47 1.47
N ARG A 26 8.23 -19.76 1.16
CA ARG A 26 9.30 -20.63 0.68
C ARG A 26 8.86 -21.23 -0.66
N LYS A 27 9.68 -21.08 -1.69
CA LYS A 27 9.36 -21.59 -3.01
C LYS A 27 9.35 -23.11 -3.02
N LEU A 28 8.62 -23.70 -3.97
CA LEU A 28 8.43 -25.15 -4.03
C LEU A 28 9.45 -25.79 -4.97
N LEU A 29 9.84 -27.02 -4.64
CA LEU A 29 10.73 -27.87 -5.42
C LEU A 29 10.10 -29.25 -5.56
N PRO A 30 10.49 -30.01 -6.58
CA PRO A 30 10.16 -31.44 -6.60
C PRO A 30 10.84 -32.13 -5.44
N ARG A 31 10.21 -33.21 -4.96
CA ARG A 31 10.78 -33.98 -3.86
C ARG A 31 12.12 -34.57 -4.32
N PRO A 32 13.05 -34.82 -3.40
CA PRO A 32 14.41 -35.23 -3.82
C PRO A 32 14.44 -36.53 -4.61
N GLY A 33 13.40 -37.35 -4.54
CA GLY A 33 13.43 -38.63 -5.23
C GLY A 33 12.15 -39.07 -5.90
N GLN A 34 11.26 -38.14 -6.25
CA GLN A 34 10.01 -38.53 -6.92
C GLN A 34 10.16 -38.44 -8.45
N SER A 35 10.40 -37.25 -8.98
CA SER A 35 10.54 -37.04 -10.41
C SER A 35 10.84 -35.58 -10.75
N LYS A 36 11.12 -35.32 -12.03
CA LYS A 36 11.17 -33.96 -12.57
C LYS A 36 9.96 -33.66 -13.44
N GLN A 37 9.31 -34.69 -13.99
CA GLN A 37 8.09 -34.52 -14.77
C GLN A 37 6.82 -34.64 -13.96
N GLU A 38 6.76 -35.53 -12.97
CA GLU A 38 5.62 -35.63 -12.08
C GLU A 38 5.41 -34.36 -11.25
N PHE A 39 6.46 -33.58 -11.03
CA PHE A 39 6.33 -32.28 -10.38
C PHE A 39 5.52 -31.30 -11.22
N ARG A 40 5.73 -31.31 -12.55
CA ARG A 40 4.90 -30.49 -13.43
C ARG A 40 3.45 -30.92 -13.42
N GLU A 41 3.21 -32.24 -13.39
CA GLU A 41 1.86 -32.79 -13.32
C GLU A 41 1.22 -32.64 -11.95
N ASN A 42 1.99 -32.23 -10.94
CA ASN A 42 1.46 -31.95 -9.62
C ASN A 42 1.21 -30.46 -9.40
N VAL A 43 2.09 -29.60 -9.91
CA VAL A 43 1.84 -28.16 -9.90
C VAL A 43 0.66 -27.79 -10.78
N LYS A 44 0.49 -28.46 -11.93
CA LYS A 44 -0.69 -28.25 -12.75
C LYS A 44 -1.96 -28.60 -11.99
N LYS A 45 -1.90 -29.61 -11.11
CA LYS A 45 -3.01 -29.89 -10.21
C LYS A 45 -3.19 -28.82 -9.15
N LEU A 46 -2.14 -28.06 -8.82
CA LEU A 46 -2.21 -26.94 -7.90
C LEU A 46 -2.69 -25.66 -8.59
N ARG A 47 -2.18 -25.39 -9.79
CA ARG A 47 -2.64 -24.23 -10.55
C ARG A 47 -4.12 -24.35 -10.90
N LYS A 48 -4.58 -25.55 -11.26
CA LYS A 48 -5.99 -25.75 -11.54
C LYS A 48 -6.85 -25.47 -10.32
N ALA A 49 -6.40 -25.91 -9.13
CA ALA A 49 -7.09 -25.59 -7.89
C ALA A 49 -6.86 -24.15 -7.44
N PHE A 50 -5.71 -23.56 -7.77
CA PHE A 50 -5.49 -22.13 -7.54
C PHE A 50 -6.32 -21.27 -8.47
N LEU A 51 -6.57 -21.73 -9.69
CA LEU A 51 -7.48 -21.02 -10.59
C LEU A 51 -8.91 -20.99 -10.06
N GLN A 52 -9.38 -22.09 -9.46
CA GLN A 52 -10.74 -22.16 -8.95
C GLN A 52 -10.91 -21.35 -7.66
N PHE A 53 -9.94 -21.44 -6.75
CA PHE A 53 -10.01 -20.67 -5.51
C PHE A 53 -9.97 -19.17 -5.78
N ASN A 54 -9.09 -18.74 -6.69
CA ASN A 54 -9.00 -17.34 -7.05
C ASN A 54 -10.23 -16.89 -7.84
N ALA A 55 -10.98 -17.82 -8.42
CA ALA A 55 -12.21 -17.50 -9.12
C ALA A 55 -13.45 -17.64 -8.24
N ASP A 56 -13.46 -18.58 -7.30
CA ASP A 56 -14.55 -18.66 -6.33
C ASP A 56 -14.56 -17.42 -5.42
N VAL A 57 -13.37 -16.99 -4.98
CA VAL A 57 -13.29 -15.78 -4.17
C VAL A 57 -13.75 -14.57 -4.97
N SER A 58 -13.32 -14.48 -6.23
CA SER A 58 -13.70 -13.38 -7.10
C SER A 58 -15.19 -13.37 -7.43
N GLY A 59 -15.90 -14.46 -7.16
CA GLY A 59 -17.34 -14.51 -7.40
C GLY A 59 -18.14 -14.18 -6.15
N VAL A 60 -17.62 -14.58 -5.00
CA VAL A 60 -18.29 -14.26 -3.73
C VAL A 60 -18.23 -12.75 -3.48
N CYS A 61 -17.05 -12.15 -3.69
CA CYS A 61 -16.92 -10.70 -3.52
C CYS A 61 -17.66 -9.92 -4.59
N GLN A 62 -17.97 -10.57 -5.71
CA GLN A 62 -18.77 -9.99 -6.78
C GLN A 62 -20.26 -9.97 -6.46
N TRP A 63 -20.75 -11.02 -5.81
CA TRP A 63 -22.17 -11.09 -5.46
C TRP A 63 -22.51 -10.16 -4.32
N ALA A 64 -21.63 -10.07 -3.33
CA ALA A 64 -21.92 -9.34 -2.09
C ALA A 64 -21.67 -7.84 -2.20
N ILE A 65 -21.02 -7.37 -3.25
CA ILE A 65 -20.63 -5.97 -3.37
C ILE A 65 -21.83 -5.06 -3.60
N GLN A 66 -22.95 -5.59 -4.10
CA GLN A 66 -24.12 -4.75 -4.35
C GLN A 66 -24.82 -4.30 -3.08
N PHE A 67 -24.43 -4.85 -1.93
CA PHE A 67 -25.03 -4.49 -0.65
C PHE A 67 -24.31 -3.35 0.05
N ARG A 68 -23.29 -2.76 -0.58
CA ARG A 68 -22.49 -1.72 0.03
C ARG A 68 -23.30 -0.43 0.18
N PRO A 69 -23.05 0.35 1.24
CA PRO A 69 -23.64 1.68 1.32
C PRO A 69 -23.22 2.54 0.13
N ARG A 70 -24.14 3.39 -0.33
CA ARG A 70 -23.91 4.23 -1.50
C ARG A 70 -23.44 5.63 -1.14
N TYR A 71 -23.29 5.94 0.15
CA TYR A 71 -22.73 7.20 0.61
C TYR A 71 -23.54 8.39 0.08
N GLY A 72 -24.78 8.45 0.53
CA GLY A 72 -25.68 9.52 0.12
C GLY A 72 -27.12 9.05 0.00
N LYS A 73 -27.34 7.78 0.26
CA LYS A 73 -28.66 7.16 0.23
C LYS A 73 -29.03 6.66 1.63
N PRO A 74 -30.31 6.55 1.94
CA PRO A 74 -30.70 6.05 3.27
C PRO A 74 -30.25 4.62 3.47
N ALA A 75 -29.95 4.28 4.73
CA ALA A 75 -29.39 2.98 5.07
C ALA A 75 -30.31 1.85 4.63
N GLU A 76 -29.86 1.05 3.66
CA GLU A 76 -30.63 -0.09 3.20
C GLU A 76 -30.65 -1.17 4.28
N PRO A 77 -31.64 -2.05 4.27
CA PRO A 77 -31.67 -3.15 5.25
C PRO A 77 -30.49 -4.08 5.14
N THR A 78 -29.81 -4.14 3.98
CA THR A 78 -28.63 -4.98 3.82
C THR A 78 -27.36 -4.32 4.34
N GLU A 79 -27.42 -3.06 4.77
CA GLU A 79 -26.21 -2.35 5.21
C GLU A 79 -25.63 -2.97 6.48
N THR A 80 -26.48 -3.27 7.47
CA THR A 80 -25.99 -3.83 8.73
C THR A 80 -25.50 -5.26 8.61
N PHE A 81 -25.83 -5.94 7.50
CA PHE A 81 -25.21 -7.22 7.18
C PHE A 81 -23.89 -7.05 6.43
N TRP A 82 -23.77 -5.98 5.65
CA TRP A 82 -22.52 -5.67 4.98
C TRP A 82 -21.40 -5.40 5.98
N LYS A 83 -21.70 -4.66 7.05
CA LYS A 83 -20.71 -4.38 8.08
C LYS A 83 -20.33 -5.62 8.88
N PHE A 84 -21.21 -6.61 8.98
CA PHE A 84 -20.90 -7.86 9.64
C PHE A 84 -20.12 -8.82 8.76
N PHE A 85 -20.35 -8.79 7.45
CA PHE A 85 -19.60 -9.66 6.55
C PHE A 85 -18.11 -9.29 6.55
N LEU A 86 -17.81 -7.99 6.61
CA LEU A 86 -16.42 -7.55 6.54
C LEU A 86 -15.75 -7.57 7.92
N GLU A 87 -16.45 -7.08 8.94
CA GLU A 87 -15.90 -7.01 10.30
C GLU A 87 -16.87 -7.66 11.27
N PRO A 88 -16.88 -9.00 11.34
CA PRO A 88 -17.75 -9.68 12.30
C PRO A 88 -17.40 -9.40 13.75
N GLU A 89 -16.16 -9.02 14.04
CA GLU A 89 -15.73 -8.86 15.43
C GLU A 89 -16.51 -7.77 16.14
N THR A 90 -16.79 -6.65 15.47
CA THR A 90 -17.50 -5.55 16.09
C THR A 90 -18.94 -5.91 16.44
N SER A 91 -19.59 -6.72 15.61
CA SER A 91 -21.00 -7.05 15.79
C SER A 91 -21.21 -8.38 16.50
N LEU A 92 -20.24 -8.86 17.26
CA LEU A 92 -20.35 -10.07 18.05
C LEU A 92 -19.90 -9.82 19.48
N PRO A 93 -20.44 -10.56 20.44
CA PRO A 93 -19.96 -10.44 21.82
C PRO A 93 -18.52 -10.89 21.93
N PRO A 94 -17.77 -10.36 22.90
CA PRO A 94 -16.38 -10.81 23.07
C PRO A 94 -16.23 -12.26 23.46
N ASN A 95 -17.32 -12.92 23.89
CA ASN A 95 -17.29 -14.32 24.30
C ASN A 95 -17.87 -15.23 23.21
N ASP A 96 -17.56 -14.96 21.96
CA ASP A 96 -18.04 -15.79 20.85
C ASP A 96 -17.59 -17.23 21.03
N SER A 97 -18.53 -18.16 20.86
CA SER A 97 -18.25 -19.55 21.18
C SER A 97 -17.27 -20.19 20.18
N ARG A 98 -17.52 -20.01 18.88
CA ARG A 98 -16.75 -20.72 17.86
C ARG A 98 -15.57 -19.90 17.35
N SER A 99 -15.87 -18.78 16.70
CA SER A 99 -14.85 -17.97 16.03
C SER A 99 -15.47 -16.71 15.44
N PRO A 100 -14.72 -15.62 15.28
CA PRO A 100 -15.24 -14.48 14.53
C PRO A 100 -15.26 -14.74 13.03
N GLU A 101 -14.53 -15.77 12.60
CA GLU A 101 -14.52 -16.19 11.21
C GLU A 101 -15.56 -17.25 10.90
N PHE A 102 -16.18 -17.85 11.93
CA PHE A 102 -17.23 -18.83 11.72
C PHE A 102 -18.60 -18.19 11.64
N ARG A 103 -18.85 -17.15 12.42
CA ARG A 103 -20.11 -16.42 12.31
C ARG A 103 -20.20 -15.67 10.98
N ARG A 104 -19.05 -15.27 10.43
CA ARG A 104 -19.03 -14.69 9.10
C ARG A 104 -19.53 -15.65 8.04
N LEU A 105 -19.18 -16.94 8.17
CA LEU A 105 -19.64 -17.96 7.24
C LEU A 105 -21.14 -18.20 7.35
N GLN A 106 -21.66 -18.25 8.58
CA GLN A 106 -23.09 -18.49 8.77
C GLN A 106 -23.92 -17.35 8.17
N ALA A 107 -23.50 -16.11 8.38
CA ALA A 107 -24.19 -14.99 7.76
C ALA A 107 -24.09 -15.05 6.24
N PHE A 108 -22.92 -15.40 5.71
CA PHE A 108 -22.78 -15.56 4.27
C PHE A 108 -23.51 -16.79 3.77
N GLU A 109 -23.53 -17.87 4.55
CA GLU A 109 -24.31 -19.05 4.16
C GLU A 109 -25.80 -18.74 4.12
N ALA A 110 -26.30 -18.04 5.15
CA ALA A 110 -27.72 -17.72 5.20
C ALA A 110 -28.12 -16.72 4.14
N ALA A 111 -27.22 -15.80 3.80
CA ALA A 111 -27.50 -14.84 2.73
C ALA A 111 -27.68 -15.52 1.38
N ALA A 112 -27.02 -16.65 1.17
CA ALA A 112 -27.19 -17.45 -0.03
C ALA A 112 -28.11 -18.63 0.25
N GLY A 113 -28.24 -19.53 -0.72
CA GLY A 113 -29.09 -20.69 -0.57
C GLY A 113 -28.33 -21.96 -0.25
N ILE A 114 -27.13 -21.83 0.30
CA ILE A 114 -26.24 -22.96 0.51
C ILE A 114 -26.43 -23.55 1.90
N ASN A 115 -27.49 -23.14 2.59
CA ASN A 115 -27.83 -23.73 3.89
C ASN A 115 -29.35 -23.82 4.02
N GLY A 116 -29.88 -25.03 3.90
CA GLY A 116 -31.28 -25.28 4.15
C GLY A 116 -31.64 -25.53 5.58
N ALA A 117 -30.65 -25.66 6.46
CA ALA A 117 -30.92 -25.92 7.87
C ALA A 117 -31.50 -24.69 8.56
N ALA A 118 -31.09 -23.49 8.13
CA ALA A 118 -31.55 -22.23 8.73
C ALA A 118 -31.25 -22.18 10.23
N ALA A 119 -30.03 -22.60 10.60
CA ALA A 119 -29.57 -22.57 11.98
C ALA A 119 -28.99 -21.22 12.39
N LEU A 120 -29.35 -20.15 11.68
CA LEU A 120 -28.82 -18.83 11.97
C LEU A 120 -29.33 -18.28 13.30
N ASP A 121 -30.40 -18.83 13.84
CA ASP A 121 -31.01 -18.30 15.06
C ASP A 121 -30.16 -18.63 16.28
N ASP A 122 -29.01 -17.96 16.41
CA ASP A 122 -28.05 -18.09 17.50
C ASP A 122 -28.10 -16.86 18.40
N PRO A 123 -27.91 -17.03 19.71
CA PRO A 123 -27.92 -15.86 20.60
C PRO A 123 -26.87 -14.82 20.27
N ALA A 124 -25.76 -15.21 19.64
CA ALA A 124 -24.72 -14.26 19.28
C ALA A 124 -25.06 -13.43 18.05
N PHE A 125 -26.17 -13.72 17.38
CA PHE A 125 -26.61 -12.99 16.20
C PHE A 125 -27.70 -12.00 16.62
N THR A 126 -27.45 -10.72 16.40
CA THR A 126 -28.40 -9.69 16.79
C THR A 126 -29.64 -9.73 15.90
N ASN A 127 -30.75 -9.24 16.44
CA ASN A 127 -31.99 -9.19 15.66
C ASN A 127 -31.88 -8.23 14.49
N GLU A 128 -31.13 -7.14 14.65
CA GLU A 128 -30.89 -6.23 13.53
C GLU A 128 -30.12 -6.91 12.40
N LEU A 129 -29.26 -7.87 12.73
CA LEU A 129 -28.52 -8.63 11.73
C LEU A 129 -29.29 -9.84 11.21
N ARG A 130 -30.00 -10.55 12.09
CA ARG A 130 -30.76 -11.73 11.67
C ARG A 130 -31.89 -11.35 10.73
N ASP A 131 -32.58 -10.25 11.00
CA ASP A 131 -33.66 -9.77 10.14
C ASP A 131 -33.15 -9.08 8.88
N SER A 132 -31.86 -8.80 8.80
CA SER A 132 -31.25 -8.19 7.62
C SER A 132 -30.79 -9.21 6.59
N ILE A 133 -30.33 -10.38 7.03
CA ILE A 133 -29.93 -11.42 6.08
C ILE A 133 -31.14 -11.92 5.30
N LEU A 134 -32.31 -11.99 5.94
CA LEU A 134 -33.54 -12.32 5.23
C LEU A 134 -33.84 -11.31 4.13
N ALA A 135 -33.42 -10.05 4.29
CA ALA A 135 -33.55 -9.06 3.24
C ALA A 135 -32.45 -9.18 2.18
N VAL A 136 -31.46 -10.03 2.42
CA VAL A 136 -30.39 -10.28 1.45
C VAL A 136 -30.68 -11.54 0.63
N ALA A 137 -31.12 -12.61 1.29
CA ALA A 137 -31.50 -13.82 0.57
C ALA A 137 -32.71 -13.60 -0.33
N SER A 138 -33.60 -12.70 0.06
CA SER A 138 -34.78 -12.37 -0.75
C SER A 138 -34.39 -11.30 -1.78
N ARG A 139 -33.46 -11.69 -2.65
CA ARG A 139 -32.94 -10.82 -3.69
C ARG A 139 -32.61 -11.68 -4.89
N PRO A 140 -33.04 -11.30 -6.10
CA PRO A 140 -32.75 -12.11 -7.29
C PRO A 140 -31.26 -12.09 -7.62
N LYS A 141 -30.73 -13.25 -7.98
CA LYS A 141 -29.34 -13.39 -8.36
C LYS A 141 -29.16 -13.14 -9.85
N THR A 142 -27.90 -12.96 -10.25
CA THR A 142 -27.56 -12.55 -11.61
C THR A 142 -27.15 -13.71 -12.50
N LYS A 143 -27.66 -14.92 -12.23
CA LYS A 143 -27.50 -16.10 -13.07
C LYS A 143 -26.06 -16.60 -13.10
N GLU A 144 -25.14 -15.86 -12.46
CA GLU A 144 -23.79 -16.35 -12.21
C GLU A 144 -23.57 -16.73 -10.76
N ALA A 145 -24.16 -15.97 -9.83
CA ALA A 145 -24.21 -16.42 -8.45
C ALA A 145 -25.09 -17.65 -8.27
N GLN A 146 -26.09 -17.83 -9.14
CA GLN A 146 -26.92 -19.04 -9.08
C GLN A 146 -26.08 -20.29 -9.29
N ARG A 147 -25.17 -20.26 -10.27
CA ARG A 147 -24.27 -21.39 -10.47
C ARG A 147 -23.07 -21.32 -9.53
N LEU A 148 -22.74 -20.13 -9.01
CA LEU A 148 -21.60 -20.01 -8.10
C LEU A 148 -21.89 -20.72 -6.78
N PHE A 149 -22.93 -20.28 -6.08
CA PHE A 149 -23.32 -20.95 -4.84
C PHE A 149 -23.82 -22.37 -5.07
N SER A 150 -24.22 -22.71 -6.29
CA SER A 150 -24.44 -24.12 -6.62
C SER A 150 -23.14 -24.91 -6.59
N ARG A 151 -22.04 -24.29 -7.03
CA ARG A 151 -20.72 -24.93 -6.92
C ARG A 151 -20.25 -24.95 -5.48
N LEU A 152 -20.45 -23.85 -4.75
CA LEU A 152 -20.01 -23.76 -3.37
C LEU A 152 -20.85 -24.62 -2.44
N LYS A 153 -22.04 -25.04 -2.86
CA LYS A 153 -22.86 -25.93 -2.04
C LYS A 153 -22.21 -27.30 -1.84
N ASP A 154 -21.54 -27.82 -2.85
CA ASP A 154 -20.85 -29.10 -2.73
C ASP A 154 -19.57 -29.00 -1.93
N TYR A 155 -19.06 -27.79 -1.70
CA TYR A 155 -17.85 -27.62 -0.92
C TYR A 155 -18.10 -27.96 0.55
N GLN A 156 -17.05 -28.43 1.20
CA GLN A 156 -17.10 -28.70 2.63
C GLN A 156 -17.13 -27.39 3.41
N PRO A 157 -17.65 -27.42 4.65
CA PRO A 157 -17.66 -26.19 5.46
C PRO A 157 -16.28 -25.59 5.67
N ALA A 158 -15.24 -26.42 5.67
CA ALA A 158 -13.88 -25.90 5.82
C ALA A 158 -13.51 -24.99 4.66
N HIS A 159 -13.84 -25.39 3.43
CA HIS A 159 -13.52 -24.56 2.28
C HIS A 159 -14.30 -23.24 2.32
N ARG A 160 -15.59 -23.30 2.62
CA ARG A 160 -16.42 -22.10 2.59
C ARG A 160 -16.00 -21.13 3.70
N MET A 161 -15.51 -21.66 4.82
CA MET A 161 -15.02 -20.79 5.89
C MET A 161 -13.84 -19.95 5.42
N ILE A 162 -12.92 -20.55 4.67
CA ILE A 162 -11.75 -19.84 4.18
C ILE A 162 -12.11 -19.12 2.90
N LEU A 163 -13.25 -19.48 2.30
CA LEU A 163 -13.71 -18.84 1.08
C LEU A 163 -14.36 -17.49 1.32
N ALA A 164 -15.25 -17.40 2.31
CA ALA A 164 -15.87 -16.11 2.64
C ALA A 164 -14.86 -15.19 3.32
N LYS A 165 -13.89 -15.77 4.05
CA LYS A 165 -12.92 -14.95 4.77
C LYS A 165 -12.07 -14.13 3.81
N VAL A 166 -11.49 -14.77 2.80
CA VAL A 166 -10.65 -14.05 1.85
C VAL A 166 -11.46 -13.04 1.05
N ALA A 167 -12.66 -13.44 0.59
CA ALA A 167 -13.49 -12.52 -0.16
C ALA A 167 -13.90 -11.33 0.68
N ALA A 168 -14.27 -11.55 1.94
CA ALA A 168 -14.59 -10.44 2.83
C ALA A 168 -13.35 -9.59 3.09
N GLU A 169 -12.21 -10.24 3.34
CA GLU A 169 -10.97 -9.50 3.53
C GLU A 169 -10.47 -8.87 2.23
N TRP A 170 -10.95 -9.31 1.07
CA TRP A 170 -10.55 -8.67 -0.18
C TRP A 170 -11.27 -7.34 -0.37
N ILE A 171 -12.60 -7.33 -0.22
CA ILE A 171 -13.35 -6.07 -0.35
C ILE A 171 -12.95 -5.10 0.75
N GLU A 172 -12.79 -5.62 1.98
CA GLU A 172 -12.45 -4.79 3.12
C GLU A 172 -11.10 -4.13 2.95
N SER A 173 -10.20 -4.77 2.22
CA SER A 173 -8.85 -4.26 2.02
C SER A 173 -8.69 -3.51 0.70
N ARG A 174 -9.50 -3.84 -0.31
CA ARG A 174 -9.38 -3.17 -1.60
C ARG A 174 -10.42 -2.08 -1.78
N TYR A 175 -11.65 -2.31 -1.31
CA TYR A 175 -12.71 -1.32 -1.46
C TYR A 175 -12.97 -0.54 -0.18
N ARG A 176 -13.29 -1.24 0.91
CA ARG A 176 -13.86 -0.58 2.08
C ARG A 176 -12.86 0.40 2.70
N ARG A 177 -11.64 -0.05 2.99
CA ARG A 177 -10.63 0.85 3.51
C ARG A 177 -10.30 1.94 2.49
N ALA A 178 -10.20 1.58 1.22
CA ALA A 178 -9.96 2.57 0.18
C ALA A 178 -11.16 3.48 -0.05
N HIS A 179 -12.37 3.04 0.33
CA HIS A 179 -13.55 3.89 0.23
C HIS A 179 -13.74 4.73 1.49
N GLN A 180 -13.58 4.13 2.67
CA GLN A 180 -13.70 4.88 3.90
C GLN A 180 -12.66 6.00 3.98
N ASN A 181 -11.46 5.73 3.46
CA ASN A 181 -10.46 6.79 3.32
C ASN A 181 -10.83 7.83 2.28
N TRP A 182 -11.85 7.55 1.46
CA TRP A 182 -12.30 8.49 0.43
C TRP A 182 -13.50 9.30 0.87
N GLU A 183 -14.43 8.71 1.62
CA GLU A 183 -15.58 9.46 2.13
C GLU A 183 -15.12 10.63 2.99
N ARG A 184 -14.25 10.36 3.96
CA ARG A 184 -13.68 11.42 4.77
C ARG A 184 -12.82 12.35 3.92
N ASN A 185 -12.10 11.80 2.93
CA ASN A 185 -11.41 12.64 1.97
C ASN A 185 -12.36 13.46 1.13
N TYR A 186 -13.62 13.01 0.99
CA TYR A 186 -14.62 13.79 0.26
C TYR A 186 -15.36 14.74 1.18
N GLU A 187 -15.65 14.32 2.41
CA GLU A 187 -16.27 15.21 3.39
C GLU A 187 -15.36 16.40 3.68
N GLU A 188 -14.07 16.14 3.88
CA GLU A 188 -13.12 17.23 4.05
C GLU A 188 -12.87 17.99 2.75
N TRP A 189 -13.08 17.36 1.59
CA TRP A 189 -13.01 18.08 0.33
C TRP A 189 -14.20 19.02 0.17
N LYS A 190 -15.37 18.62 0.68
CA LYS A 190 -16.52 19.51 0.67
C LYS A 190 -16.23 20.78 1.47
N LYS A 191 -15.71 20.61 2.69
CA LYS A 191 -15.34 21.76 3.50
C LYS A 191 -14.23 22.57 2.83
N GLU A 192 -13.21 21.87 2.28
CA GLU A 192 -12.14 22.56 1.57
C GLU A 192 -12.65 23.26 0.32
N LYS A 193 -13.65 22.69 -0.36
CA LYS A 193 -14.23 23.36 -1.52
C LYS A 193 -14.90 24.66 -1.10
N GLN A 194 -15.71 24.63 -0.05
CA GLN A 194 -16.37 25.85 0.43
C GLN A 194 -15.34 26.85 0.96
N GLU A 195 -14.41 26.38 1.77
CA GLU A 195 -13.42 27.28 2.37
C GLU A 195 -12.52 27.89 1.32
N TRP A 196 -12.55 27.35 0.10
CA TRP A 196 -11.88 27.96 -1.04
C TRP A 196 -12.76 28.95 -1.80
N GLU A 197 -14.09 28.78 -1.71
CA GLU A 197 -14.98 29.67 -2.47
C GLU A 197 -15.11 31.03 -1.79
N GLN A 198 -15.49 31.06 -0.52
CA GLN A 198 -15.62 32.34 0.18
C GLN A 198 -14.28 33.03 0.33
N ASN A 199 -13.22 32.25 0.55
CA ASN A 199 -11.89 32.84 0.67
C ASN A 199 -11.32 33.29 -0.67
N HIS A 200 -11.84 32.80 -1.79
CA HIS A 200 -11.43 33.25 -3.12
C HIS A 200 -12.66 33.59 -3.94
N PRO A 201 -13.37 34.66 -3.57
CA PRO A 201 -14.60 35.01 -4.28
C PRO A 201 -14.37 35.95 -5.46
N GLU A 202 -13.11 36.05 -5.92
CA GLU A 202 -12.74 37.09 -6.87
C GLU A 202 -13.60 37.05 -8.13
N LEU A 203 -13.54 35.96 -8.89
CA LEU A 203 -14.25 35.89 -10.16
C LEU A 203 -14.85 34.51 -10.39
N THR A 204 -15.16 33.79 -9.31
CA THR A 204 -15.79 32.48 -9.41
C THR A 204 -16.97 32.37 -8.44
N PRO A 205 -18.02 33.19 -8.61
CA PRO A 205 -19.28 32.90 -7.91
C PRO A 205 -20.07 31.82 -8.63
N GLU A 206 -20.08 31.91 -9.97
CA GLU A 206 -20.66 30.90 -10.83
C GLU A 206 -19.84 30.63 -12.08
N ILE A 207 -18.83 31.44 -12.37
CA ILE A 207 -18.06 31.31 -13.60
C ILE A 207 -17.30 29.98 -13.62
N ARG A 208 -17.00 29.43 -12.45
CA ARG A 208 -16.35 28.13 -12.38
C ARG A 208 -17.22 27.05 -13.03
N GLU A 209 -18.53 27.13 -12.83
CA GLU A 209 -19.45 26.24 -13.55
C GLU A 209 -19.41 26.51 -15.05
N ALA A 210 -19.33 27.78 -15.44
CA ALA A 210 -19.24 28.13 -16.85
C ALA A 210 -17.94 27.60 -17.46
N PHE A 211 -16.83 27.69 -16.71
CA PHE A 211 -15.57 27.14 -17.20
C PHE A 211 -15.65 25.64 -17.37
N ASN A 212 -16.41 24.96 -16.49
CA ASN A 212 -16.61 23.53 -16.63
C ASN A 212 -17.33 23.21 -17.94
N GLN A 213 -18.34 24.00 -18.29
CA GLN A 213 -19.02 23.81 -19.57
C GLN A 213 -18.07 24.06 -20.74
N ILE A 214 -17.22 25.07 -20.64
CA ILE A 214 -16.24 25.34 -21.68
C ILE A 214 -15.25 24.18 -21.79
N PHE A 215 -14.80 23.65 -20.65
CA PHE A 215 -13.90 22.51 -20.68
C PHE A 215 -14.62 21.24 -21.12
N GLN A 216 -15.96 21.23 -21.03
CA GLN A 216 -16.70 20.05 -21.46
C GLN A 216 -16.79 19.96 -22.98
N GLN A 217 -16.89 21.11 -23.66
CA GLN A 217 -17.05 21.10 -25.12
C GLN A 217 -15.81 20.55 -25.80
N LEU A 218 -14.64 20.70 -25.17
CA LEU A 218 -13.38 20.16 -25.68
C LEU A 218 -12.81 19.24 -24.61
N GLU A 219 -12.90 17.94 -24.86
CA GLU A 219 -12.57 16.95 -23.84
C GLU A 219 -11.07 16.90 -23.57
N VAL A 220 -10.62 17.62 -22.55
CA VAL A 220 -9.22 17.60 -22.14
C VAL A 220 -9.08 16.66 -20.94
N LYS A 221 -10.13 16.58 -20.13
CA LYS A 221 -10.17 15.71 -18.96
C LYS A 221 -8.99 15.93 -18.01
N PRO A 229 -1.35 18.76 -15.98
CA PRO A 229 -2.15 19.91 -16.38
C PRO A 229 -1.28 21.10 -16.75
N ALA A 230 -0.02 20.82 -17.12
CA ALA A 230 0.91 21.87 -17.51
C ALA A 230 0.43 22.58 -18.78
N ALA A 231 -0.05 21.80 -19.75
CA ALA A 231 -0.57 22.38 -20.98
C ALA A 231 -1.79 23.24 -20.74
N ARG A 232 -2.69 22.79 -19.86
CA ARG A 232 -3.88 23.56 -19.54
C ARG A 232 -3.51 24.87 -18.84
N LEU A 233 -2.53 24.82 -17.93
CA LEU A 233 -2.11 26.03 -17.23
C LEU A 233 -1.52 27.05 -18.19
N LEU A 234 -0.71 26.58 -19.15
CA LEU A 234 -0.14 27.49 -20.14
C LEU A 234 -1.23 28.11 -21.01
N GLN A 235 -2.22 27.31 -21.40
CA GLN A 235 -3.32 27.83 -22.21
C GLN A 235 -4.14 28.84 -21.43
N ASN A 236 -4.41 28.55 -20.15
CA ASN A 236 -5.19 29.48 -19.33
C ASN A 236 -4.43 30.78 -19.07
N LYS A 237 -3.16 30.66 -18.68
CA LYS A 237 -2.32 31.83 -18.43
C LYS A 237 -1.57 32.21 -19.71
N ASP A 238 -2.35 32.65 -20.70
CA ASP A 238 -1.81 32.98 -22.01
C ASP A 238 -2.33 34.35 -22.44
N ASN A 239 -1.44 35.12 -23.07
CA ASN A 239 -1.79 36.42 -23.64
C ASN A 239 -1.54 36.47 -25.14
N CYS A 240 -1.89 35.40 -25.86
CA CYS A 240 -1.71 35.17 -27.28
C CYS A 240 -0.25 34.89 -27.64
N GLN A 241 0.68 34.99 -26.69
CA GLN A 241 2.07 34.65 -26.96
C GLN A 241 2.31 33.15 -26.82
N TYR A 242 1.53 32.49 -25.96
CA TYR A 242 1.71 31.05 -25.76
C TYR A 242 1.29 30.25 -26.98
N ALA A 243 0.59 30.89 -27.92
CA ALA A 243 0.17 30.24 -29.15
C ALA A 243 1.37 29.77 -29.95
N GLY A 244 2.42 30.60 -30.01
CA GLY A 244 3.66 30.19 -30.67
C GLY A 244 4.30 29.02 -29.95
N LYS A 245 4.30 29.06 -28.61
CA LYS A 245 4.84 27.95 -27.84
C LYS A 245 4.02 26.67 -28.05
N ASN A 246 2.70 26.81 -28.11
CA ASN A 246 1.84 25.64 -28.35
C ASN A 246 2.10 25.05 -29.73
N LYS A 247 2.29 25.89 -30.73
CA LYS A 247 2.60 25.42 -32.08
C LYS A 247 3.94 24.69 -32.10
N HIS A 248 4.94 25.23 -31.39
CA HIS A 248 6.24 24.59 -31.33
C HIS A 248 6.16 23.23 -30.65
N SER A 249 5.40 23.14 -29.57
CA SER A 249 5.23 21.89 -28.84
C SER A 249 4.34 20.92 -29.61
N HIS A 335 -3.29 20.61 -27.85
CA HIS A 335 -2.66 21.93 -27.72
C HIS A 335 -3.38 22.96 -28.60
N THR A 336 -3.43 22.68 -29.90
CA THR A 336 -4.11 23.58 -30.82
C THR A 336 -5.60 23.66 -30.51
N ALA A 337 -6.21 22.52 -30.20
CA ALA A 337 -7.64 22.50 -29.88
C ALA A 337 -7.93 23.28 -28.61
N LEU A 338 -7.04 23.18 -27.61
CA LEU A 338 -7.26 23.85 -26.34
C LEU A 338 -7.27 25.37 -26.52
N CYS A 339 -6.57 25.86 -27.54
CA CYS A 339 -6.53 27.31 -27.79
C CYS A 339 -7.91 27.82 -28.19
N LYS A 340 -8.70 26.98 -28.84
CA LYS A 340 -10.05 27.39 -29.25
C LYS A 340 -10.93 27.66 -28.04
N GLN A 341 -10.80 26.84 -27.00
CA GLN A 341 -11.61 27.02 -25.79
C GLN A 341 -11.31 28.36 -25.13
N TYR A 342 -10.04 28.75 -25.08
CA TYR A 342 -9.67 30.03 -24.49
C TYR A 342 -10.27 31.19 -25.28
N GLN A 343 -10.23 31.10 -26.61
CA GLN A 343 -10.83 32.15 -27.44
C GLN A 343 -12.34 32.20 -27.23
N GLN A 344 -12.99 31.05 -27.13
CA GLN A 344 -14.43 31.01 -26.89
C GLN A 344 -14.78 31.60 -25.53
N GLN A 345 -13.94 31.32 -24.52
CA GLN A 345 -14.19 31.86 -23.18
C GLN A 345 -14.12 33.39 -23.18
N LEU A 346 -13.15 33.94 -23.89
CA LEU A 346 -13.03 35.40 -23.97
C LEU A 346 -14.24 36.01 -24.67
N SER A 347 -14.69 35.37 -25.74
CA SER A 347 -15.85 35.86 -26.49
C SER A 347 -17.14 35.53 -25.76
N HIS A 355 -11.49 36.90 -19.02
CA HIS A 355 -10.97 35.62 -19.48
C HIS A 355 -9.79 35.17 -18.63
N ASP A 356 -8.64 35.81 -18.82
CA ASP A 356 -7.45 35.45 -18.06
C ASP A 356 -7.56 35.85 -16.59
N GLU A 357 -8.49 36.75 -16.25
CA GLU A 357 -8.65 37.16 -14.86
C GLU A 357 -9.15 36.02 -14.00
N LEU A 358 -9.95 35.12 -14.56
CA LEU A 358 -10.47 33.98 -13.83
C LEU A 358 -9.91 32.64 -14.26
N TYR A 359 -9.25 32.58 -15.43
CA TYR A 359 -8.67 31.34 -15.92
C TYR A 359 -7.57 30.84 -14.98
N ARG A 360 -6.73 31.75 -14.50
CA ARG A 360 -5.65 31.37 -13.59
C ARG A 360 -6.17 30.89 -12.23
N LYS A 361 -7.40 31.27 -11.87
CA LYS A 361 -7.99 30.85 -10.61
C LYS A 361 -8.95 29.68 -10.74
N TRP A 362 -9.59 29.53 -11.90
CA TRP A 362 -10.52 28.42 -12.09
C TRP A 362 -9.79 27.09 -12.22
N ARG A 363 -8.55 27.11 -12.72
CA ARG A 363 -7.77 25.89 -12.85
C ARG A 363 -7.48 25.27 -11.48
N ARG A 364 -7.16 26.11 -10.50
CA ARG A 364 -6.86 25.63 -9.15
C ARG A 364 -8.11 25.18 -8.41
N GLU A 365 -9.31 25.47 -8.93
CA GLU A 365 -10.53 25.06 -8.25
C GLU A 365 -10.67 23.54 -8.17
N TYR A 366 -10.13 22.82 -9.16
CA TYR A 366 -10.16 21.36 -9.21
C TYR A 366 -11.61 20.85 -9.17
N TRP A 367 -12.35 21.22 -10.22
CA TRP A 367 -13.76 20.88 -10.31
C TRP A 367 -13.99 19.38 -10.19
N ARG A 368 -13.05 18.57 -10.70
CA ARG A 368 -13.14 17.13 -10.53
C ARG A 368 -13.06 16.75 -9.05
N GLU A 369 -13.97 15.89 -8.62
CA GLU A 369 -13.96 15.36 -7.26
C GLU A 369 -12.83 14.35 -7.13
N PRO A 370 -12.39 14.06 -5.91
CA PRO A 370 -11.39 13.00 -5.72
C PRO A 370 -11.90 11.67 -6.24
N ARG A 371 -11.02 10.92 -6.91
CA ARG A 371 -11.43 9.70 -7.58
C ARG A 371 -11.84 8.64 -6.57
N LYS A 372 -12.96 7.98 -6.86
CA LYS A 372 -13.41 6.87 -6.03
C LYS A 372 -12.49 5.66 -6.23
N PRO A 373 -12.36 4.82 -5.20
CA PRO A 373 -11.50 3.64 -5.35
C PRO A 373 -12.06 2.64 -6.35
N VAL A 374 -11.36 2.46 -7.47
CA VAL A 374 -11.80 1.51 -8.49
C VAL A 374 -11.57 0.10 -7.97
N PHE A 375 -12.65 -0.66 -7.83
CA PHE A 375 -12.58 -2.01 -7.29
C PHE A 375 -12.10 -2.97 -8.37
N ARG A 376 -11.15 -3.82 -7.99
CA ARG A 376 -10.61 -4.84 -8.88
C ARG A 376 -10.73 -6.19 -8.20
N TYR A 377 -11.16 -7.19 -8.95
CA TYR A 377 -11.29 -8.54 -8.43
C TYR A 377 -9.93 -9.23 -8.45
N PRO A 378 -9.76 -10.28 -7.64
CA PRO A 378 -8.47 -10.99 -7.62
C PRO A 378 -8.14 -11.57 -8.99
N SER A 379 -7.05 -11.08 -9.57
CA SER A 379 -6.69 -11.35 -10.97
C SER A 379 -5.46 -12.24 -11.00
N VAL A 380 -5.54 -13.34 -11.73
CA VAL A 380 -4.44 -14.30 -11.84
C VAL A 380 -3.31 -13.68 -12.66
N LYS A 381 -3.60 -12.57 -13.34
CA LYS A 381 -2.64 -11.99 -14.27
C LYS A 381 -1.60 -11.13 -13.57
N ARG A 382 -2.05 -10.10 -12.85
CA ARG A 382 -1.16 -9.12 -12.25
C ARG A 382 -1.15 -9.17 -10.73
N HIS A 383 -2.32 -9.09 -10.09
CA HIS A 383 -2.40 -9.02 -8.63
C HIS A 383 -3.45 -10.02 -8.16
N SER A 384 -2.99 -11.13 -7.58
CA SER A 384 -3.85 -12.22 -7.15
C SER A 384 -3.84 -12.35 -5.62
N ILE A 385 -4.54 -13.37 -5.15
CA ILE A 385 -4.55 -13.72 -3.73
C ILE A 385 -3.75 -15.01 -3.55
N ALA A 386 -3.53 -15.37 -2.29
CA ALA A 386 -2.85 -16.61 -1.94
C ALA A 386 -3.88 -17.59 -1.39
N LYS A 387 -3.92 -18.79 -1.95
CA LYS A 387 -4.84 -19.82 -1.46
C LYS A 387 -4.39 -20.32 -0.09
N ILE A 388 -5.33 -20.38 0.84
CA ILE A 388 -5.06 -20.80 2.22
C ILE A 388 -5.50 -22.25 2.38
N PHE A 389 -4.62 -23.07 2.93
CA PHE A 389 -4.94 -24.43 3.36
C PHE A 389 -5.06 -24.40 4.88
N GLY A 390 -6.28 -24.57 5.38
CA GLY A 390 -6.54 -24.44 6.80
C GLY A 390 -6.07 -25.61 7.64
N GLU A 391 -6.60 -25.73 8.85
CA GLU A 391 -6.20 -26.81 9.73
C GLU A 391 -6.59 -28.16 9.15
N ASN A 392 -5.73 -29.17 9.36
CA ASN A 392 -5.87 -30.53 8.85
C ASN A 392 -5.81 -30.60 7.34
N TYR A 393 -5.37 -29.53 6.66
CA TYR A 393 -5.29 -29.51 5.20
C TYR A 393 -3.86 -29.40 4.71
N PHE A 394 -2.87 -29.52 5.60
CA PHE A 394 -1.48 -29.46 5.20
C PHE A 394 -0.64 -30.18 6.25
N GLN A 395 0.53 -30.65 5.81
CA GLN A 395 1.52 -31.24 6.70
C GLN A 395 2.88 -30.66 6.36
N ALA A 396 3.59 -30.18 7.37
CA ALA A 396 4.87 -29.51 7.18
C ALA A 396 5.94 -30.19 7.99
N ASP A 397 7.03 -30.58 7.33
CA ASP A 397 8.21 -31.14 7.98
C ASP A 397 9.35 -30.15 7.79
N PHE A 398 9.96 -29.72 8.89
CA PHE A 398 11.00 -28.70 8.83
C PHE A 398 12.40 -29.25 8.99
N LYS A 399 12.56 -30.45 9.56
CA LYS A 399 13.86 -31.11 9.58
C LYS A 399 14.31 -31.38 8.15
N ASN A 400 13.53 -32.16 7.42
CA ASN A 400 13.66 -32.29 5.97
C ASN A 400 12.51 -31.52 5.32
N SER A 401 12.86 -30.63 4.39
CA SER A 401 11.89 -29.67 3.87
C SER A 401 10.92 -30.32 2.89
N VAL A 402 9.80 -30.83 3.42
CA VAL A 402 8.71 -31.35 2.60
C VAL A 402 7.40 -30.81 3.16
N VAL A 403 6.49 -30.45 2.27
CA VAL A 403 5.19 -29.89 2.65
C VAL A 403 4.09 -30.75 2.06
N GLY A 404 3.13 -31.15 2.90
CA GLY A 404 2.02 -31.97 2.48
C GLY A 404 0.79 -31.18 2.09
N LEU A 405 0.84 -30.47 0.97
CA LEU A 405 -0.32 -29.70 0.51
C LEU A 405 -1.44 -30.63 0.08
N ARG A 406 -2.65 -30.38 0.60
CA ARG A 406 -3.81 -31.21 0.31
C ARG A 406 -4.85 -30.40 -0.43
N LEU A 407 -5.41 -30.98 -1.50
CA LEU A 407 -6.40 -30.30 -2.32
C LEU A 407 -7.78 -30.42 -1.70
N ASP A 408 -8.78 -29.87 -2.39
CA ASP A 408 -10.13 -29.83 -1.84
C ASP A 408 -10.80 -31.20 -1.88
N SER A 409 -10.54 -31.99 -2.91
CA SER A 409 -11.26 -33.25 -3.12
C SER A 409 -10.58 -34.45 -2.48
N MET A 410 -9.47 -34.26 -1.78
CA MET A 410 -8.77 -35.38 -1.18
C MET A 410 -9.56 -35.90 0.02
N PRO A 411 -9.93 -37.19 0.04
CA PRO A 411 -10.96 -37.66 0.96
C PRO A 411 -10.63 -37.60 2.45
N ALA A 412 -9.56 -38.26 2.88
CA ALA A 412 -9.41 -38.51 4.32
C ALA A 412 -7.98 -38.37 4.83
N GLY A 413 -7.17 -37.49 4.25
CA GLY A 413 -5.86 -37.26 4.80
C GLY A 413 -4.70 -37.64 3.89
N GLN A 414 -4.90 -37.54 2.59
CA GLN A 414 -3.83 -37.69 1.61
C GLN A 414 -3.36 -36.30 1.20
N TYR A 415 -2.05 -36.16 0.98
CA TYR A 415 -1.46 -34.88 0.65
C TYR A 415 -0.53 -35.02 -0.54
N LEU A 416 -0.46 -33.98 -1.37
CA LEU A 416 0.55 -33.88 -2.42
C LEU A 416 1.84 -33.42 -1.78
N GLU A 417 2.83 -34.31 -1.72
CA GLU A 417 4.08 -33.99 -1.04
C GLU A 417 5.04 -33.28 -2.00
N PHE A 418 5.41 -32.06 -1.64
CA PHE A 418 6.37 -31.27 -2.37
C PHE A 418 7.58 -31.00 -1.48
N ALA A 419 8.57 -30.32 -2.05
CA ALA A 419 9.72 -29.85 -1.32
C ALA A 419 9.80 -28.34 -1.43
N PHE A 420 10.08 -27.67 -0.33
CA PHE A 420 10.21 -26.23 -0.31
C PHE A 420 11.62 -25.83 0.11
N ALA A 421 11.92 -24.55 -0.07
CA ALA A 421 13.23 -24.03 0.31
C ALA A 421 13.43 -24.22 1.82
N PRO A 422 14.61 -24.65 2.27
CA PRO A 422 14.80 -24.94 3.68
C PRO A 422 14.55 -23.71 4.55
N TRP A 423 13.96 -23.95 5.72
CA TRP A 423 13.70 -22.88 6.66
C TRP A 423 15.03 -22.29 7.12
N PRO A 424 15.24 -20.98 6.99
CA PRO A 424 16.56 -20.41 7.28
C PRO A 424 16.96 -20.60 8.73
N ARG A 425 18.24 -20.89 8.93
CA ARG A 425 18.81 -21.00 10.27
C ARG A 425 18.88 -19.66 10.97
N ASN A 426 19.14 -18.59 10.22
CA ASN A 426 19.20 -17.24 10.78
C ASN A 426 17.82 -16.59 10.88
N TYR A 427 16.77 -17.26 10.41
CA TYR A 427 15.42 -16.72 10.56
C TYR A 427 15.04 -16.69 12.04
N ARG A 428 14.40 -15.59 12.44
CA ARG A 428 14.22 -15.30 13.85
C ARG A 428 13.07 -16.12 14.43
N PRO A 429 11.90 -16.19 13.77
CA PRO A 429 10.90 -17.18 14.23
C PRO A 429 11.22 -18.58 13.74
N GLN A 430 11.67 -19.45 14.62
CA GLN A 430 11.95 -20.82 14.24
C GLN A 430 10.64 -21.61 14.16
N PRO A 431 10.58 -22.63 13.30
CA PRO A 431 9.34 -23.43 13.21
C PRO A 431 8.94 -24.11 14.50
N GLY A 432 9.89 -24.48 15.35
CA GLY A 432 9.54 -25.07 16.63
C GLY A 432 9.09 -24.05 17.67
N GLU A 433 9.49 -22.79 17.50
CA GLU A 433 9.10 -21.76 18.46
C GLU A 433 7.61 -21.44 18.38
N THR A 434 7.10 -21.28 17.16
CA THR A 434 5.70 -20.94 16.93
C THR A 434 5.07 -21.96 15.99
N GLU A 435 3.81 -22.29 16.26
CA GLU A 435 3.09 -23.27 15.46
C GLU A 435 2.61 -22.67 14.16
N ILE A 436 2.61 -23.47 13.10
CA ILE A 436 2.10 -23.02 11.80
C ILE A 436 0.58 -23.19 11.78
N SER A 437 -0.12 -22.12 11.44
CA SER A 437 -1.59 -22.13 11.43
C SER A 437 -2.17 -22.48 10.07
N SER A 438 -1.57 -22.00 8.98
CA SER A 438 -2.08 -22.26 7.64
C SER A 438 -0.97 -22.00 6.63
N VAL A 439 -1.17 -22.50 5.41
CA VAL A 439 -0.23 -22.35 4.31
C VAL A 439 -0.91 -21.55 3.21
N HIS A 440 -0.24 -20.49 2.76
CA HIS A 440 -0.77 -19.57 1.76
C HIS A 440 -0.09 -19.83 0.42
N LEU A 441 -0.79 -20.53 -0.47
CA LEU A 441 -0.26 -20.83 -1.79
C LEU A 441 -0.63 -19.74 -2.78
N HIS A 442 0.37 -19.18 -3.45
CA HIS A 442 0.16 -18.20 -4.51
C HIS A 442 1.07 -18.55 -5.68
N PHE A 443 0.74 -18.03 -6.86
CA PHE A 443 1.50 -18.31 -8.07
C PHE A 443 2.14 -17.02 -8.57
N VAL A 444 3.45 -16.92 -8.42
CA VAL A 444 4.23 -15.83 -9.00
C VAL A 444 4.81 -16.33 -10.33
N GLY A 445 4.45 -15.66 -11.42
CA GLY A 445 4.80 -16.16 -12.73
C GLY A 445 4.15 -17.50 -12.97
N THR A 446 4.95 -18.57 -12.95
CA THR A 446 4.43 -19.93 -13.04
C THR A 446 4.81 -20.80 -11.84
N ARG A 447 5.88 -20.45 -11.12
CA ARG A 447 6.39 -21.23 -9.99
C ARG A 447 5.55 -20.97 -8.75
N PRO A 448 4.99 -22.02 -8.13
CA PRO A 448 4.09 -21.88 -6.96
C PRO A 448 4.78 -21.67 -5.61
N ARG A 449 5.08 -20.41 -5.30
CA ARG A 449 5.60 -20.08 -3.97
C ARG A 449 4.49 -20.21 -2.94
N ILE A 450 4.76 -20.96 -1.87
CA ILE A 450 3.80 -21.09 -0.77
C ILE A 450 4.33 -20.32 0.43
N GLY A 451 3.41 -19.87 1.28
CA GLY A 451 3.78 -19.13 2.47
C GLY A 451 3.19 -19.76 3.71
N PHE A 452 3.94 -19.66 4.80
CA PHE A 452 3.56 -20.27 6.07
C PHE A 452 3.03 -19.20 7.01
N ARG A 453 1.82 -19.40 7.51
CA ARG A 453 1.17 -18.48 8.43
C ARG A 453 1.31 -19.00 9.86
N PHE A 454 2.14 -18.34 10.66
CA PHE A 454 2.30 -18.67 12.07
C PHE A 454 1.99 -17.45 12.93
N ARG A 455 2.06 -17.65 14.24
CA ARG A 455 1.74 -16.59 15.20
C ARG A 455 3.00 -16.17 15.93
N VAL A 456 3.49 -14.96 15.63
CA VAL A 456 4.58 -14.36 16.37
C VAL A 456 4.05 -13.13 17.10
N PRO A 457 4.05 -13.13 18.44
CA PRO A 457 3.38 -12.06 19.18
C PRO A 457 4.15 -10.74 19.14
N HIS A 458 3.42 -9.65 19.34
CA HIS A 458 4.01 -8.33 19.47
C HIS A 458 4.46 -8.09 20.91
N LYS A 459 5.18 -6.99 21.12
CA LYS A 459 5.62 -6.56 22.43
C LYS A 459 4.93 -5.24 22.77
N ARG A 460 4.57 -5.06 24.04
CA ARG A 460 3.89 -3.85 24.46
C ARG A 460 4.82 -2.65 24.33
N SER A 461 4.35 -1.61 23.64
CA SER A 461 5.12 -0.40 23.46
C SER A 461 4.91 0.54 24.65
N ARG A 462 5.76 1.57 24.72
CA ARG A 462 5.62 2.59 25.75
C ARG A 462 4.63 3.65 25.31
N PHE A 463 3.44 3.22 24.91
CA PHE A 463 2.37 4.11 24.45
C PHE A 463 1.03 3.44 24.71
N ASP A 464 0.07 4.23 25.16
CA ASP A 464 -1.28 3.72 25.39
C ASP A 464 -2.13 3.74 24.12
N CYS A 465 -1.61 4.29 23.03
CA CYS A 465 -2.30 4.29 21.76
C CYS A 465 -1.76 3.16 20.87
N THR A 466 -2.20 3.11 19.63
CA THR A 466 -1.77 2.09 18.68
C THR A 466 -1.37 2.75 17.37
N GLN A 467 -0.59 2.02 16.58
CA GLN A 467 -0.20 2.52 15.26
C GLN A 467 -1.42 2.70 14.36
N GLU A 468 -2.44 1.86 14.53
CA GLU A 468 -3.66 2.00 13.75
C GLU A 468 -4.37 3.31 14.05
N GLU A 469 -4.26 3.81 15.29
CA GLU A 469 -4.78 5.13 15.60
C GLU A 469 -4.06 6.22 14.79
N LEU A 470 -2.73 6.12 14.66
CA LEU A 470 -1.99 7.02 13.81
C LEU A 470 -2.40 6.89 12.35
N ASP A 471 -2.77 5.67 11.92
CA ASP A 471 -3.29 5.47 10.58
C ASP A 471 -4.60 6.22 10.40
N GLU A 472 -5.48 6.17 11.41
CA GLU A 472 -6.78 6.80 11.32
C GLU A 472 -6.66 8.31 11.18
N LEU A 473 -5.70 8.92 11.88
CA LEU A 473 -5.57 10.37 11.87
C LEU A 473 -5.24 10.90 10.46
N ARG A 474 -4.33 10.22 9.76
CA ARG A 474 -3.91 10.71 8.46
C ARG A 474 -4.84 10.22 7.34
N SER A 475 -5.29 8.97 7.43
CA SER A 475 -6.08 8.40 6.34
C SER A 475 -7.44 9.06 6.20
N ARG A 476 -8.14 9.27 7.31
CA ARG A 476 -9.51 9.79 7.25
C ARG A 476 -9.70 11.06 8.08
N THR A 477 -9.10 11.15 9.26
CA THR A 477 -9.32 12.32 10.11
C THR A 477 -8.68 13.56 9.51
N PHE A 478 -7.49 13.44 8.94
CA PHE A 478 -6.80 14.55 8.29
C PHE A 478 -6.30 14.08 6.92
N PRO A 479 -7.22 13.89 5.97
CA PRO A 479 -6.81 13.29 4.69
C PRO A 479 -6.23 14.27 3.68
N ARG A 480 -6.64 15.54 3.75
CA ARG A 480 -6.27 16.49 2.72
C ARG A 480 -4.82 16.92 2.88
N LYS A 481 -4.25 17.42 1.78
CA LYS A 481 -2.87 17.88 1.77
C LYS A 481 -2.69 19.19 2.55
N ALA A 482 -3.62 20.13 2.39
CA ALA A 482 -3.56 21.37 3.18
C ALA A 482 -3.94 21.15 4.64
N GLN A 483 -4.47 19.98 4.99
CA GLN A 483 -4.85 19.65 6.36
C GLN A 483 -3.76 18.79 7.01
N ASP A 484 -2.52 18.95 6.56
CA ASP A 484 -1.41 18.15 7.09
C ASP A 484 -0.86 18.73 8.40
N GLN A 485 -0.86 20.05 8.54
CA GLN A 485 -0.34 20.66 9.77
C GLN A 485 -1.15 20.22 10.97
N LYS A 486 -2.48 20.20 10.85
CA LYS A 486 -3.33 19.76 11.94
C LYS A 486 -3.14 18.28 12.24
N PHE A 487 -2.72 17.49 11.25
CA PHE A 487 -2.47 16.08 11.49
C PHE A 487 -1.30 15.88 12.44
N LEU A 488 -0.20 16.59 12.23
CA LEU A 488 0.97 16.44 13.09
C LEU A 488 0.67 16.88 14.52
N GLU A 489 -0.08 17.97 14.67
CA GLU A 489 -0.45 18.43 16.01
C GLU A 489 -1.28 17.39 16.73
N ALA A 490 -2.24 16.78 16.03
CA ALA A 490 -3.04 15.73 16.64
C ALA A 490 -2.23 14.45 16.85
N ALA A 491 -1.40 14.09 15.88
CA ALA A 491 -0.59 12.89 16.02
C ALA A 491 0.42 13.03 17.14
N ARG A 492 1.10 14.17 17.23
CA ARG A 492 2.06 14.38 18.31
C ARG A 492 1.36 14.42 19.66
N LYS A 493 0.24 15.15 19.75
CA LYS A 493 -0.49 15.23 21.01
C LYS A 493 -1.01 13.86 21.44
N ARG A 494 -1.45 13.05 20.48
CA ARG A 494 -1.94 11.71 20.82
C ARG A 494 -0.85 10.86 21.46
N LEU A 495 0.36 10.91 20.91
CA LEU A 495 1.46 10.12 21.48
C LEU A 495 1.86 10.61 22.86
N LEU A 496 1.92 11.93 23.05
CA LEU A 496 2.34 12.48 24.33
C LEU A 496 1.36 12.14 25.45
N GLU A 497 0.06 12.28 25.19
CA GLU A 497 -0.93 12.00 26.24
C GLU A 497 -1.00 10.52 26.58
N THR A 498 -0.68 9.65 25.63
CA THR A 498 -0.62 8.22 25.87
C THR A 498 0.74 7.77 26.38
N PHE A 499 1.72 8.66 26.42
CA PHE A 499 3.03 8.34 26.98
C PHE A 499 2.94 8.24 28.50
N PRO A 500 3.54 7.20 29.09
CA PRO A 500 3.42 7.00 30.54
C PRO A 500 4.01 8.14 31.36
N GLY A 501 5.27 8.45 31.13
CA GLY A 501 5.97 9.50 31.84
C GLY A 501 5.95 10.82 31.10
N ASN A 502 6.93 11.66 31.40
CA ASN A 502 7.09 12.95 30.73
C ASN A 502 7.73 12.70 29.38
N ALA A 503 6.95 12.86 28.31
CA ALA A 503 7.41 12.55 26.96
C ALA A 503 8.40 13.59 26.45
N GLU A 504 8.54 14.70 27.17
CA GLU A 504 9.44 15.77 26.77
C GLU A 504 10.87 15.56 27.24
N GLN A 505 11.14 14.47 27.98
CA GLN A 505 12.50 14.18 28.43
C GLN A 505 12.95 12.75 28.24
N GLU A 506 12.04 11.80 27.93
CA GLU A 506 12.41 10.40 27.83
C GLU A 506 11.74 9.68 26.67
N LEU A 507 11.27 10.40 25.65
CA LEU A 507 10.66 9.77 24.48
C LEU A 507 11.78 9.55 23.45
N ARG A 508 12.32 8.33 23.45
CA ARG A 508 13.37 8.00 22.50
C ARG A 508 12.80 7.99 21.09
N LEU A 509 13.55 8.61 20.16
CA LEU A 509 13.03 8.87 18.82
C LEU A 509 14.13 8.68 17.79
N LEU A 510 13.78 8.11 16.65
CA LEU A 510 14.68 8.02 15.51
C LEU A 510 14.04 8.69 14.30
N ALA A 511 14.89 9.25 13.43
CA ALA A 511 14.44 9.93 12.21
C ALA A 511 15.44 9.64 11.09
N VAL A 512 15.08 8.69 10.22
CA VAL A 512 15.94 8.28 9.12
C VAL A 512 15.70 9.17 7.92
N ASP A 513 16.59 9.10 6.94
CA ASP A 513 16.43 9.80 5.66
C ASP A 513 16.18 8.85 4.50
N LEU A 514 16.78 7.65 4.52
CA LEU A 514 16.54 6.61 3.53
C LEU A 514 16.91 7.07 2.12
N GLY A 515 18.15 7.51 1.96
CA GLY A 515 18.66 7.83 0.65
C GLY A 515 19.27 6.60 -0.01
N THR A 516 19.75 6.81 -1.23
CA THR A 516 20.40 5.74 -1.97
C THR A 516 21.90 5.71 -1.73
N ASP A 517 22.55 6.87 -1.71
CA ASP A 517 23.98 6.94 -1.42
C ASP A 517 24.25 6.56 0.03
N SER A 518 23.52 7.16 0.97
CA SER A 518 23.66 6.90 2.39
C SER A 518 22.42 7.38 3.12
N ALA A 519 22.33 7.01 4.39
CA ALA A 519 21.20 7.43 5.24
C ALA A 519 21.65 7.43 6.68
N ARG A 520 21.28 8.46 7.42
CA ARG A 520 21.63 8.59 8.83
C ARG A 520 20.36 8.77 9.65
N ALA A 521 20.37 8.25 10.88
CA ALA A 521 19.21 8.27 11.77
C ALA A 521 19.60 9.02 13.04
N ALA A 522 19.04 10.22 13.20
CA ALA A 522 19.28 11.00 14.40
C ALA A 522 18.53 10.39 15.59
N PHE A 523 19.12 10.56 16.78
CA PHE A 523 18.58 9.97 18.00
C PHE A 523 18.10 11.09 18.91
N PHE A 524 16.80 11.17 19.12
CA PHE A 524 16.19 12.16 20.00
C PHE A 524 15.58 11.46 21.21
N ILE A 525 15.71 12.12 22.37
CA ILE A 525 15.14 11.64 23.62
C ILE A 525 14.17 12.65 24.23
N GLY A 526 14.61 13.90 24.37
CA GLY A 526 13.79 14.94 24.96
C GLY A 526 13.85 16.23 24.19
N LYS A 527 13.92 16.11 22.86
CA LYS A 527 14.21 17.15 21.87
C LYS A 527 15.70 17.45 21.82
N THR A 528 16.52 16.78 22.63
CA THR A 528 17.97 16.95 22.61
C THR A 528 18.56 15.94 21.65
N PHE A 529 19.10 16.42 20.54
CA PHE A 529 19.71 15.55 19.54
C PHE A 529 20.99 14.94 20.10
N GLN A 530 21.09 13.61 20.06
CA GLN A 530 22.23 12.91 20.63
C GLN A 530 23.32 12.64 19.60
N GLN A 531 23.01 11.82 18.58
CA GLN A 531 23.98 11.47 17.56
C GLN A 531 23.27 10.88 16.37
N ALA A 532 23.57 11.40 15.18
CA ALA A 532 23.03 10.87 13.94
C ALA A 532 24.07 9.96 13.30
N PHE A 533 24.23 8.78 13.89
CA PHE A 533 25.12 7.76 13.35
C PHE A 533 24.43 6.99 12.23
N PRO A 534 25.14 6.70 11.12
CA PRO A 534 24.45 6.38 9.87
C PRO A 534 23.95 4.95 9.79
N LEU A 535 23.40 4.63 8.62
CA LEU A 535 22.95 3.29 8.27
C LEU A 535 23.78 2.75 7.13
N LYS A 536 24.06 1.45 7.17
CA LYS A 536 24.90 0.80 6.16
C LYS A 536 24.03 0.19 5.06
N ILE A 537 23.18 1.03 4.47
CA ILE A 537 22.27 0.54 3.43
C ILE A 537 22.89 0.67 2.04
N VAL A 538 23.79 -0.27 1.71
CA VAL A 538 24.25 -0.51 0.36
C VAL A 538 24.57 -2.00 0.28
N LYS A 539 24.19 -2.65 -0.82
CA LYS A 539 24.33 -4.10 -0.95
C LYS A 539 25.43 -4.40 -1.96
N ILE A 540 26.62 -4.67 -1.45
CA ILE A 540 27.75 -5.12 -2.24
C ILE A 540 28.25 -6.38 -1.53
N GLU A 541 29.39 -6.94 -1.97
CA GLU A 541 29.95 -8.13 -1.35
C GLU A 541 30.03 -8.00 0.17
N LYS A 542 30.16 -6.76 0.67
CA LYS A 542 30.08 -6.48 2.09
C LYS A 542 29.27 -5.21 2.28
N LEU A 543 28.59 -5.11 3.43
CA LEU A 543 27.77 -3.95 3.75
C LEU A 543 28.66 -2.75 4.00
N TYR A 544 28.75 -1.85 3.04
CA TYR A 544 29.46 -0.59 3.23
C TYR A 544 28.48 0.46 3.75
N GLU A 545 28.93 1.71 3.83
CA GLU A 545 28.06 2.83 4.21
C GLU A 545 27.94 3.87 3.11
N GLN A 546 28.85 3.86 2.13
CA GLN A 546 28.81 4.79 1.02
C GLN A 546 29.28 4.06 -0.23
N TRP A 547 29.07 4.70 -1.38
CA TRP A 547 29.51 4.13 -2.65
C TRP A 547 30.97 4.45 -2.88
N PRO A 548 31.86 3.45 -2.97
CA PRO A 548 33.30 3.67 -3.19
C PRO A 548 33.60 4.25 -4.56
N GLN A 563 32.03 1.49 -15.13
CA GLN A 563 31.33 2.72 -14.74
C GLN A 563 30.11 2.47 -13.83
N PRO A 564 29.20 1.55 -14.21
CA PRO A 564 28.05 1.29 -13.33
C PRO A 564 28.50 0.70 -11.99
N ARG A 565 27.81 1.08 -10.93
CA ARG A 565 28.14 0.60 -9.60
C ARG A 565 27.52 -0.78 -9.37
N PRO A 566 28.31 -1.81 -9.08
CA PRO A 566 27.72 -3.15 -8.86
C PRO A 566 27.03 -3.23 -7.51
N GLY A 567 25.78 -3.68 -7.52
CA GLY A 567 25.02 -3.83 -6.29
C GLY A 567 23.58 -3.36 -6.43
N LEU A 568 23.03 -2.79 -5.34
CA LEU A 568 21.69 -2.23 -5.37
C LEU A 568 21.69 -0.75 -5.76
N SER A 569 22.68 -0.31 -6.51
CA SER A 569 22.76 1.09 -6.92
C SER A 569 21.67 1.41 -7.93
N ARG A 570 21.44 2.71 -8.12
CA ARG A 570 20.44 3.15 -9.08
C ARG A 570 20.83 2.77 -10.51
N ASP A 571 22.12 2.83 -10.83
CA ASP A 571 22.60 2.48 -12.16
C ASP A 571 22.48 0.99 -12.48
N HIS A 572 22.57 0.12 -11.48
CA HIS A 572 22.42 -1.31 -11.71
C HIS A 572 20.97 -1.71 -11.95
N VAL A 573 20.02 -1.08 -11.24
CA VAL A 573 18.61 -1.33 -11.51
C VAL A 573 18.24 -0.84 -12.90
N GLY A 574 18.74 0.33 -13.27
CA GLY A 574 18.49 0.88 -14.60
C GLY A 574 19.16 0.09 -15.70
N ARG A 575 20.15 -0.72 -15.34
CA ARG A 575 20.79 -1.60 -16.30
C ARG A 575 19.86 -2.68 -16.84
N HIS A 576 18.94 -3.18 -16.00
CA HIS A 576 17.91 -4.07 -16.50
C HIS A 576 16.88 -3.32 -17.33
N LEU A 577 16.55 -2.09 -16.93
CA LEU A 577 15.56 -1.31 -17.65
C LEU A 577 15.99 -0.96 -19.07
N GLN A 578 17.26 -0.63 -19.28
CA GLN A 578 17.74 -0.42 -20.64
C GLN A 578 17.70 -1.71 -21.46
N LYS A 579 17.93 -2.85 -20.82
CA LYS A 579 17.68 -4.13 -21.47
C LYS A 579 16.19 -4.39 -21.61
N MET A 580 15.41 -4.03 -20.58
CA MET A 580 13.96 -4.18 -20.64
C MET A 580 13.35 -3.33 -21.73
N ARG A 581 13.89 -2.14 -21.99
CA ARG A 581 13.42 -1.27 -23.05
C ARG A 581 13.86 -1.80 -24.42
N ALA A 582 15.11 -2.24 -24.53
CA ALA A 582 15.60 -2.82 -25.77
C ALA A 582 14.88 -4.11 -26.12
N GLN A 583 14.61 -4.97 -25.15
CA GLN A 583 13.92 -6.22 -25.40
C GLN A 583 12.43 -6.03 -25.69
N ALA A 584 11.84 -4.94 -25.22
CA ALA A 584 10.44 -4.63 -25.48
C ALA A 584 10.24 -4.00 -26.85
N SER A 585 11.31 -3.56 -27.52
CA SER A 585 11.23 -3.06 -28.88
C SER A 585 11.21 -4.18 -29.91
N GLU A 586 11.56 -5.39 -29.52
CA GLU A 586 11.47 -6.56 -30.39
C GLU A 586 10.20 -7.37 -30.14
N ILE A 587 9.46 -7.06 -29.08
CA ILE A 587 8.20 -7.74 -28.80
C ILE A 587 7.04 -7.08 -29.53
N ALA A 588 6.93 -5.75 -29.44
CA ALA A 588 5.88 -5.05 -30.16
C ALA A 588 6.07 -5.15 -31.66
N GLN A 589 7.32 -5.14 -32.12
CA GLN A 589 7.59 -5.28 -33.55
C GLN A 589 7.15 -6.64 -34.06
N LYS A 590 7.47 -7.71 -33.32
CA LYS A 590 7.05 -9.04 -33.74
C LYS A 590 5.55 -9.24 -33.58
N ARG A 591 4.97 -8.72 -32.49
CA ARG A 591 3.53 -8.84 -32.29
C ARG A 591 2.73 -8.11 -33.35
N GLN A 592 3.28 -7.03 -33.92
CA GLN A 592 2.62 -6.33 -35.00
C GLN A 592 2.55 -7.15 -36.29
N GLU A 593 3.57 -7.98 -36.55
CA GLU A 593 3.58 -8.83 -37.74
C GLU A 593 2.76 -10.11 -37.57
N LEU A 594 2.39 -10.47 -36.34
CA LEU A 594 1.63 -11.70 -36.11
C LEU A 594 0.14 -11.49 -36.37
N THR A 595 -0.48 -10.58 -35.62
CA THR A 595 -1.91 -10.34 -35.74
C THR A 595 -2.26 -8.93 -36.19
N GLY A 596 -1.31 -7.99 -36.16
CA GLY A 596 -1.59 -6.64 -36.58
C GLY A 596 -1.38 -6.41 -38.06
N THR A 597 -0.27 -6.93 -38.58
CA THR A 597 0.09 -6.81 -40.00
C THR A 597 0.08 -5.35 -40.47
N THR A 612 1.30 -1.47 -23.63
CA THR A 612 2.21 -2.02 -24.63
C THR A 612 2.75 -3.38 -24.17
N LEU A 613 3.16 -3.45 -22.91
CA LEU A 613 3.67 -4.68 -22.32
C LEU A 613 2.62 -5.24 -21.37
N GLN A 614 2.20 -6.48 -21.62
CA GLN A 614 1.24 -7.16 -20.77
C GLN A 614 1.92 -7.58 -19.47
N PRO A 615 1.13 -7.94 -18.44
CA PRO A 615 1.73 -8.38 -17.17
C PRO A 615 2.68 -9.56 -17.33
N PHE A 616 2.45 -10.40 -18.33
CA PHE A 616 3.30 -11.54 -18.60
C PHE A 616 4.43 -11.24 -19.57
N ASP A 617 4.44 -10.06 -20.23
CA ASP A 617 5.46 -9.75 -21.28
C ASP A 617 6.88 -10.08 -20.78
N LEU A 618 7.33 -9.51 -19.67
CA LEU A 618 8.71 -9.86 -19.18
C LEU A 618 8.62 -10.64 -17.84
N ARG A 619 8.12 -11.88 -17.85
CA ARG A 619 7.79 -12.60 -16.63
C ARG A 619 9.01 -12.79 -15.73
N GLY A 620 10.16 -13.08 -16.33
CA GLY A 620 11.36 -13.34 -15.55
C GLY A 620 12.18 -12.12 -15.21
N LEU A 621 12.35 -11.23 -16.20
CA LEU A 621 13.17 -10.04 -15.97
C LEU A 621 12.54 -9.12 -14.94
N THR A 622 11.22 -8.91 -15.02
CA THR A 622 10.58 -7.95 -14.13
C THR A 622 10.47 -8.48 -12.71
N VAL A 623 10.18 -9.78 -12.54
CA VAL A 623 10.08 -10.33 -11.19
C VAL A 623 11.43 -10.28 -10.49
N HIS A 624 12.51 -10.51 -11.23
CA HIS A 624 13.85 -10.39 -10.64
C HIS A 624 14.10 -8.97 -10.16
N THR A 625 13.71 -7.98 -10.96
CA THR A 625 13.77 -6.60 -10.51
C THR A 625 12.86 -6.37 -9.31
N ALA A 626 11.69 -6.98 -9.30
CA ALA A 626 10.78 -6.91 -8.17
C ALA A 626 11.43 -7.47 -6.91
N ARG A 627 11.98 -8.68 -7.01
CA ARG A 627 12.70 -9.26 -5.88
C ARG A 627 13.97 -8.49 -5.55
N MET A 628 14.46 -7.67 -6.48
CA MET A 628 15.63 -6.83 -6.23
C MET A 628 15.25 -5.47 -5.67
N ILE A 629 14.24 -4.82 -6.24
CA ILE A 629 13.81 -3.52 -5.73
C ILE A 629 13.23 -3.61 -4.33
N ARG A 630 12.35 -4.58 -4.08
CA ARG A 630 11.80 -4.78 -2.74
C ARG A 630 12.86 -5.20 -1.74
N ASP A 631 13.90 -5.92 -2.17
CA ASP A 631 15.01 -6.29 -1.29
C ASP A 631 15.76 -5.07 -0.80
N TRP A 632 15.96 -4.06 -1.65
CA TRP A 632 16.52 -2.79 -1.19
C TRP A 632 15.63 -2.12 -0.16
N ALA A 633 14.31 -2.35 -0.22
CA ALA A 633 13.41 -1.91 0.83
C ALA A 633 13.43 -2.83 2.04
N ARG A 634 13.70 -4.12 1.85
CA ARG A 634 13.84 -5.04 2.97
C ARG A 634 15.13 -4.80 3.74
N LEU A 635 16.23 -4.55 3.03
CA LEU A 635 17.49 -4.24 3.70
C LEU A 635 17.41 -2.94 4.48
N ASN A 636 16.82 -1.91 3.87
CA ASN A 636 16.65 -0.64 4.56
C ASN A 636 15.71 -0.77 5.76
N ALA A 637 14.68 -1.61 5.63
CA ALA A 637 13.72 -1.78 6.72
C ALA A 637 14.37 -2.37 7.95
N ARG A 638 15.10 -3.49 7.80
CA ARG A 638 15.71 -4.11 8.96
C ARG A 638 16.86 -3.29 9.52
N GLN A 639 17.63 -2.63 8.65
CA GLN A 639 18.69 -1.74 9.14
C GLN A 639 18.12 -0.68 10.07
N ILE A 640 16.94 -0.16 9.74
CA ILE A 640 16.25 0.75 10.66
C ILE A 640 15.83 0.02 11.92
N ILE A 641 15.19 -1.15 11.76
CA ILE A 641 14.70 -1.91 12.91
C ILE A 641 15.85 -2.41 13.77
N GLN A 642 16.91 -2.94 13.14
CA GLN A 642 18.08 -3.35 13.91
C GLN A 642 18.72 -2.18 14.62
N LEU A 643 18.72 -1.01 13.97
CA LEU A 643 19.26 0.18 14.61
C LEU A 643 18.39 0.62 15.79
N ALA A 644 17.07 0.44 15.67
CA ALA A 644 16.13 0.82 16.71
C ALA A 644 16.03 -0.19 17.83
N GLU A 645 16.69 -1.34 17.71
CA GLU A 645 16.70 -2.33 18.78
C GLU A 645 17.96 -2.23 19.65
N GLU A 646 19.03 -1.64 19.13
CA GLU A 646 20.23 -1.42 19.92
C GLU A 646 19.92 -0.46 21.07
N ASN A 647 19.41 0.72 20.73
CA ASN A 647 18.93 1.68 21.72
C ASN A 647 17.42 1.57 21.82
N GLN A 648 16.88 1.71 23.03
CA GLN A 648 15.46 1.47 23.27
C GLN A 648 14.60 2.60 22.71
N VAL A 649 14.50 2.66 21.38
CA VAL A 649 13.71 3.71 20.75
C VAL A 649 12.23 3.32 20.76
N ASP A 650 11.38 4.33 20.98
CA ASP A 650 9.94 4.11 21.03
C ASP A 650 9.19 4.67 19.83
N LEU A 651 9.83 5.51 19.01
CA LEU A 651 9.13 6.15 17.89
C LEU A 651 10.09 6.36 16.74
N ILE A 652 9.64 6.03 15.53
CA ILE A 652 10.40 6.26 14.31
C ILE A 652 9.68 7.31 13.48
N VAL A 653 10.41 8.34 13.04
CA VAL A 653 9.82 9.41 12.26
C VAL A 653 10.33 9.33 10.82
N LEU A 654 9.53 8.71 9.96
CA LEU A 654 9.85 8.67 8.54
C LEU A 654 9.24 9.87 7.83
N GLU A 655 9.71 10.12 6.62
CA GLU A 655 9.13 11.15 5.77
C GLU A 655 8.09 10.52 4.86
N SER A 656 7.63 11.26 3.85
CA SER A 656 6.60 10.78 2.94
C SER A 656 7.06 10.92 1.49
N LEU A 657 8.29 10.50 1.22
CA LEU A 657 8.78 10.49 -0.15
C LEU A 657 8.08 9.39 -0.96
N ARG A 658 7.89 9.67 -2.24
CA ARG A 658 7.34 8.69 -3.16
C ARG A 658 8.35 7.60 -3.51
N GLY A 659 9.61 7.98 -3.69
CA GLY A 659 10.64 7.03 -4.02
C GLY A 659 11.68 7.66 -4.93
N PHE A 660 12.66 6.85 -5.32
CA PHE A 660 13.71 7.26 -6.23
C PHE A 660 13.64 6.41 -7.49
N ARG A 661 14.06 6.99 -8.61
CA ARG A 661 13.93 6.35 -9.91
C ARG A 661 15.31 6.07 -10.50
N PRO A 662 15.51 4.91 -11.11
CA PRO A 662 16.79 4.62 -11.78
C PRO A 662 16.94 5.47 -13.03
N PRO A 663 18.15 5.55 -13.60
CA PRO A 663 18.34 6.35 -14.83
C PRO A 663 17.46 5.90 -15.99
N GLY A 664 17.17 4.60 -16.07
CA GLY A 664 16.37 4.08 -17.16
C GLY A 664 14.88 4.13 -16.91
N TYR A 665 14.44 5.13 -16.14
CA TYR A 665 13.03 5.26 -15.78
C TYR A 665 12.27 6.27 -16.61
N GLU A 666 12.92 7.35 -17.07
CA GLU A 666 12.26 8.39 -17.83
C GLU A 666 12.17 8.07 -19.32
N ASN A 667 12.69 6.93 -19.76
CA ASN A 667 12.62 6.53 -21.15
C ASN A 667 11.64 5.40 -21.42
N LEU A 668 11.34 4.58 -20.41
CA LEU A 668 10.36 3.51 -20.54
C LEU A 668 8.96 3.95 -20.06
N ASP A 669 8.65 5.24 -20.21
CA ASP A 669 7.38 5.76 -19.72
C ASP A 669 6.22 5.22 -20.56
N GLN A 670 5.01 5.65 -20.20
CA GLN A 670 3.77 5.21 -20.83
C GLN A 670 3.56 3.70 -20.70
N GLU A 671 4.18 3.08 -19.70
CA GLU A 671 4.06 1.65 -19.46
C GLU A 671 3.94 1.41 -17.96
N LYS A 672 2.87 0.73 -17.55
CA LYS A 672 2.72 0.34 -16.16
C LYS A 672 3.81 -0.62 -15.71
N LYS A 673 4.42 -1.37 -16.63
CA LYS A 673 5.44 -2.34 -16.26
C LYS A 673 6.67 -1.69 -15.65
N ARG A 674 6.93 -0.42 -15.99
CA ARG A 674 8.12 0.24 -15.46
C ARG A 674 8.00 0.53 -13.97
N ARG A 675 6.79 0.38 -13.41
CA ARG A 675 6.55 0.68 -12.01
C ARG A 675 7.28 -0.30 -11.09
N VAL A 676 7.73 -1.43 -11.65
CA VAL A 676 8.38 -2.45 -10.84
C VAL A 676 9.80 -2.06 -10.40
N ALA A 677 10.47 -1.18 -11.16
CA ALA A 677 11.85 -0.80 -10.88
C ALA A 677 11.93 0.51 -10.11
N PHE A 678 10.79 1.02 -9.65
CA PHE A 678 10.77 2.22 -8.80
C PHE A 678 11.12 1.82 -7.38
N PHE A 679 12.09 2.52 -6.80
CA PHE A 679 12.64 2.12 -5.52
C PHE A 679 11.61 2.11 -4.39
N ALA A 680 10.50 2.82 -4.55
CA ALA A 680 9.33 2.69 -3.69
C ALA A 680 9.68 2.98 -2.22
N HIS A 681 9.99 4.24 -1.96
CA HIS A 681 10.24 4.67 -0.59
C HIS A 681 9.07 4.32 0.33
N GLY A 682 7.85 4.27 -0.22
CA GLY A 682 6.71 3.81 0.55
C GLY A 682 6.82 2.35 0.96
N ARG A 683 7.50 1.54 0.14
CA ARG A 683 7.70 0.14 0.50
C ARG A 683 8.53 0.00 1.77
N ILE A 684 9.54 0.85 1.93
CA ILE A 684 10.26 0.88 3.20
C ILE A 684 9.33 1.29 4.33
N ARG A 685 8.49 2.29 4.09
CA ARG A 685 7.50 2.69 5.09
C ARG A 685 6.55 1.54 5.39
N ARG A 686 6.21 0.74 4.38
CA ARG A 686 5.40 -0.45 4.61
C ARG A 686 6.09 -1.39 5.59
N LYS A 687 7.35 -1.72 5.33
CA LYS A 687 8.04 -2.74 6.10
C LYS A 687 8.52 -2.22 7.45
N VAL A 688 8.96 -0.96 7.51
CA VAL A 688 9.42 -0.39 8.77
C VAL A 688 8.27 -0.32 9.77
N THR A 689 7.11 0.17 9.32
CA THR A 689 5.96 0.27 10.20
C THR A 689 5.48 -1.11 10.65
N GLU A 690 5.47 -2.08 9.73
CA GLU A 690 5.02 -3.42 10.08
C GLU A 690 5.95 -4.06 11.12
N LYS A 691 7.26 -3.87 10.96
CA LYS A 691 8.21 -4.46 11.90
C LYS A 691 8.26 -3.68 13.22
N ALA A 692 8.10 -2.37 13.17
CA ALA A 692 8.18 -1.56 14.38
C ALA A 692 7.07 -1.92 15.36
N VAL A 693 5.85 -2.13 14.86
CA VAL A 693 4.75 -2.57 15.72
C VAL A 693 5.05 -3.94 16.29
N GLU A 694 5.69 -4.81 15.50
CA GLU A 694 6.06 -6.13 15.99
C GLU A 694 7.03 -6.05 17.16
N ARG A 695 8.01 -5.14 17.07
CA ARG A 695 8.98 -4.98 18.14
C ARG A 695 8.51 -4.06 19.26
N GLY A 696 7.31 -3.50 19.15
CA GLY A 696 6.78 -2.65 20.20
C GLY A 696 7.15 -1.20 20.01
N MET A 697 6.96 -0.69 18.80
CA MET A 697 7.30 0.68 18.48
C MET A 697 6.18 1.30 17.64
N ARG A 698 6.24 2.62 17.50
CA ARG A 698 5.27 3.37 16.71
C ARG A 698 6.01 4.14 15.62
N VAL A 699 5.36 4.29 14.46
CA VAL A 699 5.94 4.99 13.33
C VAL A 699 5.02 6.14 12.94
N VAL A 700 5.58 7.34 12.81
CA VAL A 700 4.88 8.52 12.35
C VAL A 700 5.57 8.99 11.07
N THR A 701 4.85 8.94 9.95
CA THR A 701 5.38 9.39 8.67
C THR A 701 4.87 10.81 8.45
N VAL A 702 5.73 11.78 8.72
CA VAL A 702 5.38 13.19 8.59
C VAL A 702 5.14 13.50 7.11
N PRO A 703 4.30 14.49 6.79
CA PRO A 703 4.13 14.89 5.39
C PRO A 703 5.45 15.37 4.80
N TYR A 704 5.59 15.18 3.50
CA TYR A 704 6.85 15.46 2.81
C TYR A 704 7.17 16.95 2.90
N LEU A 705 8.22 17.28 3.66
CA LEU A 705 8.81 18.61 3.62
C LEU A 705 9.92 18.61 2.57
N ALA A 706 10.70 19.68 2.53
CA ALA A 706 11.99 19.61 1.85
C ALA A 706 12.92 18.68 2.60
N SER A 707 13.06 18.89 3.91
CA SER A 707 13.75 17.99 4.84
C SER A 707 15.24 17.90 4.58
N SER A 708 15.70 18.51 3.48
CA SER A 708 17.12 18.64 3.21
C SER A 708 17.50 20.06 2.79
N LYS A 709 16.55 20.85 2.29
CA LYS A 709 16.70 22.29 2.20
C LYS A 709 16.31 22.99 3.49
N VAL A 710 15.93 22.24 4.52
CA VAL A 710 15.68 22.80 5.83
C VAL A 710 16.92 22.60 6.70
N CYS A 711 17.44 23.69 7.26
CA CYS A 711 18.58 23.58 8.15
C CYS A 711 18.14 23.01 9.50
N ALA A 712 19.11 22.45 10.24
CA ALA A 712 18.82 21.79 11.50
C ALA A 712 18.94 22.71 12.71
N GLU A 713 19.99 23.54 12.78
CA GLU A 713 20.11 24.47 13.89
C GLU A 713 19.08 25.58 13.80
N CYS A 714 18.91 26.16 12.62
CA CYS A 714 17.95 27.22 12.38
C CYS A 714 16.91 26.78 11.36
N ARG A 715 15.80 27.51 11.34
CA ARG A 715 14.74 27.28 10.35
C ARG A 715 14.90 28.26 9.19
N LYS A 716 15.85 27.91 8.31
CA LYS A 716 16.21 28.82 7.22
C LYS A 716 15.42 28.55 5.95
N LYS A 717 15.28 27.28 5.57
CA LYS A 717 14.62 26.88 4.32
C LYS A 717 15.34 27.50 3.12
N GLN A 718 16.57 27.03 2.91
CA GLN A 718 17.38 27.51 1.80
C GLN A 718 16.66 27.28 0.47
N LYS A 719 16.63 28.33 -0.35
CA LYS A 719 15.89 28.32 -1.61
C LYS A 719 16.81 28.55 -2.81
N ASP A 720 18.11 28.33 -2.62
CA ASP A 720 19.09 28.50 -3.69
C ASP A 720 18.89 27.49 -4.81
N ASN A 721 18.65 26.23 -4.45
CA ASN A 721 18.32 25.15 -5.40
C ASN A 721 19.46 24.86 -6.36
N LYS A 722 20.58 25.56 -6.21
CA LYS A 722 21.77 25.34 -7.04
C LYS A 722 22.98 24.96 -6.20
N GLN A 723 23.30 25.75 -5.18
CA GLN A 723 24.40 25.37 -4.28
C GLN A 723 24.06 24.11 -3.49
N TRP A 724 22.81 23.97 -3.06
CA TRP A 724 22.39 22.75 -2.37
C TRP A 724 22.53 21.53 -3.26
N GLU A 725 22.11 21.63 -4.52
CA GLU A 725 22.20 20.49 -5.43
C GLU A 725 23.65 20.12 -5.70
N LYS A 726 24.51 21.13 -5.91
CA LYS A 726 25.93 20.86 -6.11
C LYS A 726 26.56 20.24 -4.88
N ASN A 727 26.20 20.74 -3.69
CA ASN A 727 26.76 20.21 -2.45
C ASN A 727 26.23 18.81 -2.15
N LYS A 728 24.97 18.53 -2.50
CA LYS A 728 24.41 17.21 -2.24
C LYS A 728 25.16 16.12 -3.01
N LYS A 729 25.76 16.47 -4.15
CA LYS A 729 26.52 15.49 -4.93
C LYS A 729 27.72 14.97 -4.15
N ARG A 730 28.44 15.86 -3.47
CA ARG A 730 29.60 15.48 -2.68
C ARG A 730 29.23 15.02 -1.27
N GLY A 731 27.94 15.04 -0.91
CA GLY A 731 27.47 14.50 0.35
C GLY A 731 27.43 15.48 1.51
N LEU A 732 27.91 16.69 1.34
CA LEU A 732 27.90 17.71 2.40
C LEU A 732 27.04 18.89 1.95
N PHE A 733 27.00 19.93 2.78
CA PHE A 733 26.31 21.18 2.48
C PHE A 733 26.65 22.16 3.60
N LYS A 734 26.22 23.41 3.42
CA LYS A 734 26.40 24.41 4.45
C LYS A 734 25.23 25.40 4.40
N CYS A 735 24.76 25.79 5.58
CA CYS A 735 23.65 26.73 5.68
C CYS A 735 24.11 28.12 5.26
N GLU A 736 23.18 28.89 4.67
CA GLU A 736 23.53 30.16 4.06
C GLU A 736 24.08 31.16 5.07
N GLY A 737 23.37 31.35 6.19
CA GLY A 737 23.81 32.30 7.19
C GLY A 737 23.93 31.69 8.57
N CYS A 738 23.34 30.51 8.74
CA CYS A 738 23.42 29.79 10.00
C CYS A 738 24.81 29.21 10.24
N GLY A 739 25.49 28.77 9.18
CA GLY A 739 26.84 28.24 9.31
C GLY A 739 26.94 26.76 9.64
N SER A 740 25.82 26.06 9.75
CA SER A 740 25.87 24.62 10.01
C SER A 740 26.50 23.90 8.83
N GLN A 741 27.41 22.97 9.13
CA GLN A 741 28.20 22.29 8.11
C GLN A 741 28.05 20.78 8.27
N ALA A 742 26.82 20.32 8.46
CA ALA A 742 26.54 18.89 8.52
C ALA A 742 26.37 18.32 7.11
N GLN A 743 26.08 17.04 7.03
CA GLN A 743 25.81 16.39 5.75
C GLN A 743 24.31 16.32 5.49
N VAL A 744 23.96 16.05 4.23
CA VAL A 744 22.55 16.06 3.82
C VAL A 744 21.74 15.01 4.55
N ASP A 745 22.39 13.92 4.98
CA ASP A 745 21.69 12.85 5.66
C ASP A 745 21.50 13.13 7.15
N GLU A 746 22.55 13.59 7.83
CA GLU A 746 22.43 13.93 9.24
C GLU A 746 21.48 15.11 9.45
N ASN A 747 21.57 16.12 8.59
CA ASN A 747 20.66 17.25 8.70
C ASN A 747 19.22 16.82 8.47
N ALA A 748 18.97 15.98 7.47
CA ALA A 748 17.64 15.44 7.26
C ALA A 748 17.19 14.62 8.45
N ALA A 749 18.11 13.86 9.05
CA ALA A 749 17.80 13.11 10.25
C ALA A 749 17.43 14.05 11.41
N ARG A 750 18.16 15.15 11.56
CA ARG A 750 17.87 16.07 12.65
C ARG A 750 16.58 16.84 12.42
N VAL A 751 16.30 17.20 11.17
CA VAL A 751 15.10 18.00 10.87
C VAL A 751 13.85 17.17 11.13
N LEU A 752 13.81 15.94 10.64
CA LEU A 752 12.60 15.12 10.76
C LEU A 752 12.23 14.89 12.21
N GLY A 753 13.23 14.65 13.07
CA GLY A 753 12.96 14.57 14.49
C GLY A 753 12.44 15.87 15.06
N ARG A 754 12.93 17.01 14.55
CA ARG A 754 12.46 18.31 15.00
C ARG A 754 11.09 18.65 14.45
N VAL A 755 10.75 18.12 13.27
CA VAL A 755 9.43 18.39 12.68
C VAL A 755 8.34 17.74 13.52
N PHE A 756 8.64 16.57 14.11
CA PHE A 756 7.65 15.89 14.96
C PHE A 756 7.23 16.78 16.12
N TRP A 757 8.20 17.44 16.76
CA TRP A 757 7.89 18.40 17.80
C TRP A 757 7.40 19.71 17.19
N GLY A 758 7.07 20.66 18.05
CA GLY A 758 6.60 21.95 17.58
C GLY A 758 7.69 22.91 17.16
N GLU A 759 8.96 22.49 17.19
CA GLU A 759 10.06 23.39 16.86
C GLU A 759 9.99 23.84 15.41
N ILE A 760 9.74 22.92 14.48
CA ILE A 760 9.69 23.22 13.05
C ILE A 760 8.27 22.93 12.55
N GLU A 761 7.70 23.89 11.85
CA GLU A 761 6.37 23.76 11.24
C GLU A 761 6.51 23.46 9.76
N LEU A 762 5.44 22.93 9.17
CA LEU A 762 5.46 22.61 7.76
C LEU A 762 5.51 23.88 6.92
N PRO A 763 6.02 23.80 5.68
CA PRO A 763 6.07 24.98 4.81
C PRO A 763 4.72 25.66 4.64
N THR A 764 3.72 24.91 4.15
CA THR A 764 2.37 25.42 3.94
C THR A 764 2.39 26.70 3.10
N ALA A 765 3.17 26.70 2.02
CA ALA A 765 3.34 27.87 1.16
C ALA A 765 2.37 27.87 -0.01
N ILE A 766 1.19 27.24 0.15
CA ILE A 766 0.20 27.27 -0.92
C ILE A 766 -0.27 28.69 -1.25
N PRO A 767 -0.61 29.54 -0.28
CA PRO A 767 -0.99 30.91 -0.67
C PRO A 767 0.22 31.74 -1.10
#